data_9KFH
#
_entry.id   9KFH
#
_cell.length_a   68.900
_cell.length_b   68.900
_cell.length_c   79.320
_cell.angle_alpha   90.00
_cell.angle_beta   90.00
_cell.angle_gamma   120.00
#
_symmetry.space_group_name_H-M   'P 31 2 1'
#
loop_
_entity.id
_entity.type
_entity.pdbx_description
1 polymer 'Peptidyl-prolyl cis-trans isomerase NIMA-interacting 1'
2 non-polymer '2-methylfuran-3-carboxylic acid'
3 non-polymer 3,6,9,12,15,18,21-HEPTAOXATRICOSANE-1,23-DIOL
4 non-polymer 'SULFATE ION'
5 water water
#
_entity_poly.entity_id   1
_entity_poly.type   'polypeptide(L)'
_entity_poly.pdbx_seq_one_letter_code
;MADEEKLPPGWEKAMSRSSGRVYYFNHITNASQWERPSGNSSSGGKNGQGEPARVRCSHLLVKHSQSRRPSSWRQEKITR
TKEEALELINGYIQKIKSGEEDFESLASQFSDCSSAKARGDLGAFSRGQMQKPFEDASFALRTGEMSGPVFTDSGIHIIL
RTE
;
_entity_poly.pdbx_strand_id   A
#
loop_
_chem_comp.id
_chem_comp.type
_chem_comp.name
_chem_comp.formula
A1EFG non-polymer '2-methylfuran-3-carboxylic acid' 'C6 H6 O3'
PE8 non-polymer 3,6,9,12,15,18,21-HEPTAOXATRICOSANE-1,23-DIOL 'C16 H34 O9'
SO4 non-polymer 'SULFATE ION' 'O4 S -2'
#
# COMPACT_ATOMS: atom_id res chain seq x y z
N LYS A 6 17.95 -15.34 -6.42
CA LYS A 6 17.61 -14.77 -7.72
C LYS A 6 17.20 -13.30 -7.61
N LEU A 7 16.01 -13.06 -7.04
CA LEU A 7 15.40 -11.75 -6.94
C LEU A 7 15.19 -11.33 -5.49
N PRO A 8 15.06 -10.03 -5.24
CA PRO A 8 14.89 -9.52 -3.86
C PRO A 8 13.77 -10.20 -3.11
N PRO A 9 13.73 -10.06 -1.78
CA PRO A 9 12.71 -10.75 -0.98
C PRO A 9 11.28 -10.54 -1.47
N GLY A 10 10.59 -11.64 -1.77
CA GLY A 10 9.19 -11.58 -2.11
C GLY A 10 8.87 -11.52 -3.59
N TRP A 11 9.88 -11.30 -4.45
CA TRP A 11 9.67 -11.12 -5.88
C TRP A 11 9.71 -12.44 -6.64
N GLU A 12 8.81 -12.57 -7.63
CA GLU A 12 8.72 -13.74 -8.49
C GLU A 12 8.37 -13.28 -9.89
N LYS A 13 8.74 -14.09 -10.89
CA LYS A 13 8.37 -13.79 -12.28
C LYS A 13 6.93 -14.20 -12.55
N ALA A 14 6.33 -13.54 -13.53
CA ALA A 14 4.95 -13.82 -13.92
C ALA A 14 4.80 -13.49 -15.39
N MET A 15 3.66 -13.87 -15.96
CA MET A 15 3.36 -13.57 -17.35
C MET A 15 2.07 -12.77 -17.47
N SER A 16 2.13 -11.70 -18.25
CA SER A 16 0.95 -10.90 -18.53
C SER A 16 -0.03 -11.70 -19.36
N ARG A 17 -1.29 -11.79 -18.90
CA ARG A 17 -2.29 -12.48 -19.70
C ARG A 17 -2.65 -11.71 -20.95
N SER A 18 -2.62 -10.40 -20.90
CA SER A 18 -3.05 -9.65 -22.07
C SER A 18 -1.93 -9.46 -23.07
N SER A 19 -0.69 -9.33 -22.61
CA SER A 19 0.44 -9.00 -23.47
C SER A 19 1.43 -10.12 -23.72
N GLY A 20 1.53 -11.11 -22.83
CA GLY A 20 2.51 -12.16 -23.00
C GLY A 20 3.93 -11.78 -22.61
N ARG A 21 4.14 -10.58 -22.10
CA ARG A 21 5.43 -10.13 -21.62
C ARG A 21 5.58 -10.54 -20.17
N VAL A 22 6.79 -10.95 -19.79
CA VAL A 22 7.03 -11.25 -18.37
C VAL A 22 6.92 -9.97 -17.56
N TYR A 23 6.60 -10.15 -16.28
CA TYR A 23 6.66 -9.06 -15.34
C TYR A 23 7.07 -9.66 -14.00
N TYR A 24 7.18 -8.79 -13.01
CA TYR A 24 7.62 -9.17 -11.68
C TYR A 24 6.54 -8.81 -10.67
N PHE A 25 6.22 -9.75 -9.79
CA PHE A 25 5.21 -9.55 -8.77
C PHE A 25 5.84 -9.85 -7.42
N ASN A 26 5.51 -9.04 -6.41
CA ASN A 26 6.02 -9.27 -5.07
C ASN A 26 4.86 -9.74 -4.20
N HIS A 27 4.98 -10.93 -3.61
CA HIS A 27 3.82 -11.46 -2.92
C HIS A 27 3.73 -10.97 -1.48
N ILE A 28 4.74 -10.23 -0.99
CA ILE A 28 4.65 -9.57 0.31
C ILE A 28 4.04 -8.19 0.18
N THR A 29 4.41 -7.44 -0.87
CA THR A 29 3.92 -6.08 -1.02
C THR A 29 2.76 -5.94 -2.00
N ASN A 30 2.48 -6.98 -2.79
CA ASN A 30 1.53 -6.94 -3.90
C ASN A 30 1.93 -5.92 -4.97
N ALA A 31 3.18 -5.47 -4.98
CA ALA A 31 3.66 -4.64 -6.07
C ALA A 31 3.82 -5.48 -7.32
N SER A 32 3.59 -4.85 -8.47
CA SER A 32 3.86 -5.51 -9.71
C SER A 32 4.43 -4.49 -10.67
N GLN A 33 5.37 -4.92 -11.50
CA GLN A 33 6.03 -4.01 -12.43
C GLN A 33 6.63 -4.80 -13.57
N TRP A 34 6.86 -4.10 -14.69
CA TRP A 34 7.49 -4.75 -15.85
C TRP A 34 8.98 -4.97 -15.63
N GLU A 35 9.65 -4.05 -14.93
CA GLU A 35 11.11 -4.09 -14.87
C GLU A 35 11.62 -5.00 -13.77
N ARG A 36 12.77 -5.64 -14.03
CA ARG A 36 13.39 -6.53 -13.06
C ARG A 36 13.70 -5.77 -11.78
N PRO A 37 13.28 -6.28 -10.63
CA PRO A 37 13.38 -5.49 -9.40
C PRO A 37 14.82 -5.26 -8.98
N SER A 38 15.08 -4.05 -8.46
CA SER A 38 16.41 -3.68 -8.00
C SER A 38 16.82 -4.52 -6.79
N GLY A 39 17.99 -5.15 -6.88
CA GLY A 39 18.54 -5.91 -5.78
C GLY A 39 18.80 -7.36 -6.13
N GLU A 51 18.41 -6.09 6.37
CA GLU A 51 17.25 -5.20 6.47
C GLU A 51 17.44 -4.24 7.65
N PRO A 52 16.95 -3.00 7.52
CA PRO A 52 17.27 -1.98 8.53
C PRO A 52 16.43 -2.14 9.79
N ALA A 53 16.92 -1.52 10.87
CA ALA A 53 16.20 -1.56 12.13
C ALA A 53 14.83 -0.93 11.99
N ARG A 54 14.73 0.13 11.18
CA ARG A 54 13.55 0.95 11.10
C ARG A 54 13.35 1.33 9.65
N VAL A 55 12.08 1.49 9.28
CA VAL A 55 11.75 2.10 8.01
C VAL A 55 10.77 3.22 8.33
N ARG A 56 10.65 4.14 7.39
CA ARG A 56 9.64 5.18 7.47
C ARG A 56 8.69 4.99 6.31
N CYS A 57 7.38 5.01 6.59
CA CYS A 57 6.41 4.83 5.53
C CYS A 57 5.28 5.83 5.67
N SER A 58 4.66 6.13 4.54
CA SER A 58 3.36 6.77 4.45
C SER A 58 2.38 5.75 3.94
N HIS A 59 1.10 6.01 4.14
CA HIS A 59 0.11 5.09 3.60
C HIS A 59 -1.17 5.84 3.30
N LEU A 60 -1.96 5.22 2.42
CA LEU A 60 -3.33 5.60 2.14
C LEU A 60 -4.18 4.40 2.51
N LEU A 61 -5.10 4.60 3.45
CA LEU A 61 -5.95 3.53 3.93
C LEU A 61 -7.35 3.73 3.39
N VAL A 62 -7.94 2.67 2.83
CA VAL A 62 -9.36 2.67 2.50
C VAL A 62 -10.00 1.63 3.40
N LYS A 63 -10.88 2.09 4.28
CA LYS A 63 -11.58 1.21 5.17
C LYS A 63 -12.81 0.66 4.48
N HIS A 64 -13.43 -0.34 5.11
CA HIS A 64 -14.60 -0.97 4.53
C HIS A 64 -15.45 -1.51 5.67
N SER A 65 -16.58 -2.12 5.31
CA SER A 65 -17.54 -2.51 6.33
C SER A 65 -17.02 -3.60 7.27
N GLN A 66 -15.99 -4.37 6.87
CA GLN A 66 -15.41 -5.34 7.81
C GLN A 66 -14.12 -4.84 8.45
N SER A 67 -13.79 -3.56 8.31
CA SER A 67 -12.67 -3.00 9.04
C SER A 67 -12.89 -3.12 10.54
N ARG A 68 -11.78 -3.25 11.27
CA ARG A 68 -11.85 -3.36 12.73
C ARG A 68 -12.67 -2.23 13.34
N ARG A 69 -12.52 -1.02 12.82
CA ARG A 69 -13.30 0.14 13.23
C ARG A 69 -13.83 0.82 11.97
N PRO A 70 -15.05 0.50 11.54
CA PRO A 70 -15.60 1.08 10.30
C PRO A 70 -16.05 2.53 10.48
N SER A 71 -15.09 3.40 10.74
CA SER A 71 -15.32 4.81 10.97
C SER A 71 -13.99 5.51 10.71
N SER A 72 -14.07 6.75 10.22
CA SER A 72 -12.87 7.56 10.00
C SER A 72 -13.27 9.02 10.01
N TRP A 73 -12.25 9.88 9.90
CA TRP A 73 -12.51 11.32 9.83
C TRP A 73 -13.32 11.68 8.61
N ARG A 74 -13.33 10.82 7.58
CA ARG A 74 -14.08 11.10 6.35
C ARG A 74 -15.55 10.71 6.48
N GLN A 75 -15.85 9.71 7.31
CA GLN A 75 -17.15 9.06 7.33
C GLN A 75 -17.39 8.49 8.71
N GLU A 76 -18.47 8.92 9.37
CA GLU A 76 -18.78 8.37 10.68
C GLU A 76 -19.07 6.88 10.61
N LYS A 77 -19.85 6.46 9.61
CA LYS A 77 -20.13 5.05 9.36
C LYS A 77 -19.62 4.69 7.97
N ILE A 78 -18.57 3.88 7.94
CA ILE A 78 -18.03 3.36 6.69
C ILE A 78 -18.81 2.11 6.31
N THR A 79 -19.49 2.17 5.18
CA THR A 79 -20.37 1.10 4.74
C THR A 79 -19.93 0.43 3.44
N ARG A 80 -18.90 0.95 2.78
CA ARG A 80 -18.48 0.33 1.52
C ARG A 80 -17.98 -1.09 1.77
N THR A 81 -18.16 -1.95 0.76
CA THR A 81 -17.68 -3.32 0.86
C THR A 81 -16.17 -3.39 0.65
N LYS A 82 -15.59 -4.50 1.12
CA LYS A 82 -14.18 -4.77 0.84
C LYS A 82 -13.88 -4.69 -0.64
N GLU A 83 -14.77 -5.22 -1.47
CA GLU A 83 -14.55 -5.22 -2.92
C GLU A 83 -14.56 -3.79 -3.45
N GLU A 84 -15.48 -2.97 -2.94
CA GLU A 84 -15.50 -1.55 -3.32
C GLU A 84 -14.26 -0.83 -2.83
N ALA A 85 -13.79 -1.16 -1.62
CA ALA A 85 -12.55 -0.55 -1.11
C ALA A 85 -11.35 -0.93 -1.97
N LEU A 86 -11.29 -2.17 -2.41
CA LEU A 86 -10.18 -2.58 -3.26
C LEU A 86 -10.26 -1.87 -4.61
N GLU A 87 -11.47 -1.63 -5.10
CA GLU A 87 -11.62 -0.91 -6.36
C GLU A 87 -11.10 0.52 -6.23
N LEU A 88 -11.40 1.17 -5.10
CA LEU A 88 -10.86 2.50 -4.86
C LEU A 88 -9.34 2.48 -4.78
N ILE A 89 -8.80 1.53 -4.00
CA ILE A 89 -7.35 1.37 -3.92
C ILE A 89 -6.74 1.17 -5.29
N ASN A 90 -7.33 0.29 -6.10
CA ASN A 90 -6.77 0.03 -7.42
C ASN A 90 -6.78 1.31 -8.26
N GLY A 91 -7.86 2.09 -8.16
CA GLY A 91 -7.93 3.32 -8.94
C GLY A 91 -6.91 4.35 -8.48
N TYR A 92 -6.67 4.43 -7.16
CA TYR A 92 -5.63 5.33 -6.67
C TYR A 92 -4.26 4.91 -7.18
N ILE A 93 -3.98 3.60 -7.14
CA ILE A 93 -2.69 3.13 -7.61
C ILE A 93 -2.52 3.51 -9.07
N GLN A 94 -3.59 3.37 -9.86
CA GLN A 94 -3.48 3.68 -11.29
C GLN A 94 -3.14 5.16 -11.51
N LYS A 95 -3.79 6.05 -10.77
CA LYS A 95 -3.53 7.48 -10.96
C LYS A 95 -2.15 7.87 -10.44
N ILE A 96 -1.66 7.21 -9.38
CA ILE A 96 -0.30 7.46 -8.91
C ILE A 96 0.73 7.02 -9.94
N LYS A 97 0.51 5.82 -10.48
CA LYS A 97 1.43 5.26 -11.48
C LYS A 97 1.41 6.03 -12.77
N SER A 98 0.27 6.59 -13.17
CA SER A 98 0.25 7.36 -14.41
C SER A 98 0.79 8.77 -14.23
N GLY A 99 0.95 9.22 -12.99
CA GLY A 99 1.32 10.61 -12.72
C GLY A 99 0.15 11.55 -12.67
N GLU A 100 -1.06 11.07 -12.94
CA GLU A 100 -2.24 11.92 -12.88
C GLU A 100 -2.42 12.52 -11.49
N GLU A 101 -2.08 11.75 -10.46
CA GLU A 101 -2.20 12.21 -9.08
C GLU A 101 -0.94 11.84 -8.31
N ASP A 102 -0.68 12.56 -7.23
CA ASP A 102 0.43 12.24 -6.35
C ASP A 102 -0.08 11.43 -5.17
N PHE A 103 0.74 10.47 -4.73
CA PHE A 103 0.41 9.70 -3.52
C PHE A 103 0.01 10.62 -2.37
N GLU A 104 0.83 11.64 -2.09
CA GLU A 104 0.59 12.50 -0.93
C GLU A 104 -0.74 13.20 -1.04
N SER A 105 -1.11 13.61 -2.26
CA SER A 105 -2.37 14.30 -2.48
C SER A 105 -3.56 13.38 -2.26
N LEU A 106 -3.51 12.19 -2.85
CA LEU A 106 -4.57 11.21 -2.64
C LEU A 106 -4.65 10.81 -1.18
N ALA A 107 -3.51 10.69 -0.48
CA ALA A 107 -3.58 10.28 0.92
C ALA A 107 -4.26 11.37 1.74
N SER A 108 -3.89 12.63 1.50
CA SER A 108 -4.48 13.74 2.27
C SER A 108 -5.97 13.82 2.04
N GLN A 109 -6.42 13.50 0.84
CA GLN A 109 -7.84 13.68 0.50
C GLN A 109 -8.68 12.48 0.87
N PHE A 110 -8.13 11.28 0.76
CA PHE A 110 -8.95 10.07 0.75
C PHE A 110 -8.54 8.99 1.72
N SER A 111 -7.43 9.12 2.43
CA SER A 111 -7.07 8.10 3.41
C SER A 111 -7.99 8.16 4.62
N ASP A 112 -8.53 7.01 5.00
CA ASP A 112 -9.38 6.85 6.16
C ASP A 112 -8.58 6.76 7.46
N CYS A 113 -7.29 7.08 7.41
CA CYS A 113 -6.46 7.12 8.60
C CYS A 113 -6.27 8.56 9.09
N SER A 114 -6.10 8.71 10.40
CA SER A 114 -5.78 10.04 10.92
C SER A 114 -4.50 10.58 10.31
N SER A 115 -3.61 9.69 9.82
CA SER A 115 -2.38 10.17 9.22
C SER A 115 -2.61 10.91 7.92
N ALA A 116 -3.83 10.92 7.40
CA ALA A 116 -4.11 11.72 6.18
C ALA A 116 -3.65 13.17 6.39
N LYS A 117 -3.83 13.69 7.60
CA LYS A 117 -3.49 15.10 7.88
C LYS A 117 -1.99 15.35 7.73
N ALA A 118 -1.18 14.30 7.69
CA ALA A 118 0.28 14.41 7.47
C ALA A 118 0.65 13.78 6.14
N ARG A 119 -0.22 13.93 5.16
CA ARG A 119 0.00 13.34 3.83
C ARG A 119 0.31 11.86 3.92
N GLY A 120 -0.26 11.18 4.91
CA GLY A 120 -0.14 9.74 5.05
C GLY A 120 1.06 9.30 5.85
N ASP A 121 1.96 10.21 6.23
CA ASP A 121 3.18 9.83 6.94
C ASP A 121 2.89 9.25 8.32
N LEU A 122 3.46 8.08 8.58
CA LEU A 122 3.39 7.40 9.87
C LEU A 122 4.68 7.56 10.66
N GLY A 123 5.70 8.18 10.08
CA GLY A 123 6.98 8.24 10.73
C GLY A 123 7.68 6.89 10.68
N ALA A 124 8.71 6.76 11.51
CA ALA A 124 9.54 5.58 11.47
C ALA A 124 9.04 4.55 12.48
N PHE A 125 9.30 3.28 12.16
CA PHE A 125 8.88 2.20 13.03
C PHE A 125 9.76 0.97 12.83
N SER A 126 9.75 0.13 13.85
CA SER A 126 10.49 -1.13 13.89
C SER A 126 9.54 -2.28 13.62
N ARG A 127 10.12 -3.46 13.46
CA ARG A 127 9.33 -4.67 13.45
C ARG A 127 8.68 -4.85 14.83
N GLY A 128 7.43 -5.33 14.84
CA GLY A 128 6.70 -5.58 16.07
C GLY A 128 5.68 -4.52 16.45
N GLN A 129 5.73 -3.34 15.83
CA GLN A 129 4.84 -2.23 16.16
C GLN A 129 3.59 -2.15 15.29
N MET A 130 3.67 -2.46 14.00
CA MET A 130 2.50 -2.35 13.15
CA MET A 130 2.52 -2.35 13.11
C MET A 130 1.84 -3.71 12.95
N GLN A 131 0.66 -3.68 12.33
CA GLN A 131 -0.02 -4.91 11.98
C GLN A 131 0.85 -5.69 11.02
N LYS A 132 0.96 -7.01 11.24
CA LYS A 132 1.93 -7.82 10.50
C LYS A 132 1.91 -7.60 8.99
N PRO A 133 0.79 -7.63 8.28
CA PRO A 133 0.88 -7.53 6.82
C PRO A 133 1.44 -6.19 6.39
N PHE A 134 1.13 -5.15 7.16
CA PHE A 134 1.69 -3.83 6.92
C PHE A 134 3.19 -3.81 7.21
N GLU A 135 3.60 -4.31 8.38
CA GLU A 135 5.02 -4.39 8.67
C GLU A 135 5.77 -5.14 7.57
N ASP A 136 5.28 -6.32 7.20
CA ASP A 136 6.01 -7.14 6.23
C ASP A 136 6.16 -6.41 4.90
N ALA A 137 5.10 -5.75 4.43
CA ALA A 137 5.22 -5.06 3.16
C ALA A 137 6.17 -3.89 3.29
N SER A 138 6.04 -3.12 4.37
CA SER A 138 6.91 -1.98 4.59
C SER A 138 8.38 -2.36 4.50
N PHE A 139 8.76 -3.48 5.14
CA PHE A 139 10.17 -3.86 5.21
C PHE A 139 10.65 -4.55 3.95
N ALA A 140 9.73 -5.00 3.09
CA ALA A 140 10.09 -5.59 1.82
C ALA A 140 10.15 -4.56 0.72
N LEU A 141 9.62 -3.37 0.98
CA LEU A 141 9.71 -2.27 0.05
C LEU A 141 11.12 -1.71 0.11
N ARG A 142 11.67 -1.34 -1.04
CA ARG A 142 12.93 -0.61 -1.01
C ARG A 142 12.63 0.88 -0.82
N THR A 143 13.61 1.65 -0.36
CA THR A 143 13.34 3.07 -0.15
C THR A 143 12.85 3.70 -1.46
N GLY A 144 11.74 4.42 -1.38
CA GLY A 144 11.15 5.01 -2.55
C GLY A 144 10.09 4.16 -3.23
N GLU A 145 9.97 2.89 -2.87
CA GLU A 145 9.02 1.99 -3.53
C GLU A 145 7.63 2.05 -2.90
N MET A 146 6.64 1.71 -3.71
CA MET A 146 5.24 1.70 -3.34
C MET A 146 4.69 0.27 -3.42
N SER A 147 3.82 -0.06 -2.47
CA SER A 147 3.17 -1.36 -2.48
C SER A 147 1.99 -1.40 -3.46
N GLY A 148 1.46 -2.60 -3.65
CA GLY A 148 0.12 -2.75 -4.16
C GLY A 148 -0.84 -2.76 -2.99
N PRO A 149 -2.06 -3.26 -3.20
CA PRO A 149 -3.01 -3.34 -2.07
C PRO A 149 -2.49 -4.27 -0.99
N VAL A 150 -2.46 -3.76 0.25
CA VAL A 150 -2.03 -4.53 1.40
C VAL A 150 -3.19 -4.59 2.38
N PHE A 151 -3.62 -5.79 2.71
CA PHE A 151 -4.78 -6.01 3.56
C PHE A 151 -4.38 -6.16 5.02
N THR A 152 -5.03 -5.37 5.88
CA THR A 152 -4.95 -5.59 7.32
C THR A 152 -6.34 -5.56 7.91
N ASP A 153 -6.41 -5.72 9.22
CA ASP A 153 -7.71 -5.60 9.83
C ASP A 153 -8.23 -4.17 9.82
N SER A 154 -7.38 -3.17 9.52
CA SER A 154 -7.89 -1.81 9.42
C SER A 154 -8.63 -1.58 8.11
N GLY A 155 -8.23 -2.26 7.06
CA GLY A 155 -8.70 -1.93 5.73
C GLY A 155 -7.66 -2.35 4.71
N ILE A 156 -7.67 -1.67 3.56
CA ILE A 156 -6.71 -1.91 2.49
C ILE A 156 -5.81 -0.69 2.36
N HIS A 157 -4.50 -0.94 2.29
CA HIS A 157 -3.48 0.09 2.32
C HIS A 157 -2.75 0.18 0.99
N ILE A 158 -2.35 1.39 0.64
CA ILE A 158 -1.23 1.62 -0.26
C ILE A 158 -0.09 2.16 0.59
N ILE A 159 1.07 1.52 0.53
CA ILE A 159 2.20 1.87 1.37
C ILE A 159 3.30 2.46 0.50
N LEU A 160 3.85 3.58 0.95
CA LEU A 160 4.99 4.22 0.29
C LEU A 160 6.13 4.26 1.29
N ARG A 161 7.23 3.57 1.00
CA ARG A 161 8.37 3.61 1.90
C ARG A 161 9.22 4.84 1.56
N THR A 162 9.41 5.72 2.53
CA THR A 162 10.13 6.96 2.28
C THR A 162 11.56 6.96 2.81
N GLU A 163 11.87 6.15 3.83
CA GLU A 163 13.23 6.04 4.37
C GLU A 163 13.50 4.62 4.78
C4 A1EFG B . -9.33 -10.29 -2.35
C5 A1EFG B . -10.29 -9.57 -3.13
C6 A1EFG B . -10.42 -9.60 -4.58
C1 A1EFG B . -12.14 -7.86 -2.37
C2 A1EFG B . -11.01 -8.82 -2.25
C3 A1EFG B . -9.54 -9.98 -1.07
O1 A1EFG B . -10.56 -9.07 -0.98
O2 A1EFG B . -9.47 -10.04 -5.23
O3 A1EFG B . -11.43 -9.19 -5.12
O1 PE8 C . 2.86 -1.82 -7.85
C2 PE8 C . 1.61 -1.65 -7.19
C3 PE8 C . 0.50 -2.38 -7.88
O4 PE8 C . 0.25 -1.77 -9.13
C5 PE8 C . -0.82 -2.40 -9.84
C6 PE8 C . -1.09 -1.61 -11.07
O7 PE8 C . 0.09 -1.49 -11.85
C8 PE8 C . -0.18 -1.02 -13.16
C9 PE8 C . 1.08 -1.04 -13.97
O10 PE8 C . 1.61 -2.35 -14.00
C11 PE8 C . 2.76 -2.45 -14.83
C12 PE8 C . 3.24 -3.86 -14.88
O13 PE8 C . 2.17 -4.70 -15.29
C14 PE8 C . 2.56 -6.06 -15.37
C15 PE8 C . 1.38 -6.93 -15.59
O16 PE8 C . 0.44 -6.77 -14.55
C17 PE8 C . -0.59 -7.74 -14.59
C18 PE8 C . -1.74 -7.32 -13.74
O19 PE8 C . -1.46 -7.54 -12.37
C20 PE8 C . -2.47 -7.00 -11.52
C21 PE8 C . -2.52 -5.51 -11.71
O22 PE8 C . -3.58 -4.93 -10.96
C23 PE8 C . -4.80 -4.86 -11.68
C24 PE8 C . -5.89 -4.33 -10.78
O25 PE8 C . -7.08 -4.05 -11.47
C4 A1EFG D . -6.34 1.45 -15.36
C5 A1EFG D . -7.65 1.21 -15.86
C6 A1EFG D . -8.17 -0.08 -16.27
C1 A1EFG D . -9.66 2.86 -16.26
C2 A1EFG D . -8.30 2.40 -15.86
C3 A1EFG D . -6.25 2.75 -15.10
O1 A1EFG D . -7.45 3.38 -15.41
O2 A1EFG D . -9.20 -0.16 -16.89
O3 A1EFG D . -7.55 -1.07 -15.95
S SO4 E . 16.74 0.13 0.43
O1 SO4 E . 18.17 0.07 0.76
O2 SO4 E . 16.17 -1.22 0.49
O3 SO4 E . 16.03 0.96 1.39
O4 SO4 E . 16.59 0.71 -0.91
S SO4 F . -8.47 0.82 12.83
O1 SO4 F . -7.12 0.59 12.34
O2 SO4 F . -9.49 0.13 12.00
O3 SO4 F . -8.55 0.28 14.20
O4 SO4 F . -8.71 2.27 12.85
#